data_8WTY
#
_entry.id   8WTY
#
_cell.length_a   1.00
_cell.length_b   1.00
_cell.length_c   1.00
_cell.angle_alpha   90.00
_cell.angle_beta   90.00
_cell.angle_gamma   90.00
#
_symmetry.space_group_name_H-M   'P 1'
#
loop_
_entity.id
_entity.type
_entity.pdbx_description
1 polymer 'Sodium-dependent noradrenaline transporter'
2 non-polymer Ziprasidone
#
_entity_poly.entity_id   1
_entity_poly.type   'polypeptide(L)'
_entity_poly.pdbx_seq_one_letter_code
;DAQPRETWGKKIDFLLSVVGFAVDLANVWRFPYLCYKNGGGAFLIPYTLFLIIAGMPLFYMELALGQYNREGAATVWKIC
PFFKGVGYAVILIALYVGFYYNVIIAWSLYYLFSSFTLNLPWTDCGHTWNSPNCTDPKLLNGSVLGNHTKYSKYKFTPAA
EFYERGVLHLHESSGIHDIGLPQWQLLLCLMVVVIVLYFSLWKGVKTSGKVVWITATLPYFVLFVLLVHGVTLPGASNGI
NAYLHIDFYRLKEATVWIDAATQIFFSLGAGFGVLIAFASYNKFDNNCYRDALLTSSINCITSFVSGFAIFSILGYMAHE
HKVNIEDVATEGAGLVFILYPEAISTLSGSTFWAVVFFVMLLALGLDSSMGGMEAVITGLADDFQVLKRHRKLFTFGVTF
STFLLALFCITKGGIYVLTLLDTFAAGTSILFAVLMEAIGVSWFYGVDRFSNDIQQMMGFRPGLYWRLCWKFVSPAFLLF
VVVVSIINFKPLTYDDYIFPPWANWVGWGIALSSMVLVPIYVIYKFLSTQGSLWERLAYGITPENEHHLVAQRDIRQFQL
QHWLAI
;
_entity_poly.pdbx_strand_id   A
#
# COMPACT_ATOMS: atom_id res chain seq x y z
N PHE A 14 -11.67 18.11 -14.00
CA PHE A 14 -11.55 17.03 -13.02
C PHE A 14 -10.11 16.89 -12.55
N LEU A 15 -9.30 17.92 -12.79
CA LEU A 15 -7.89 17.88 -12.44
C LEU A 15 -7.67 18.21 -10.97
N LEU A 16 -8.37 17.52 -10.08
CA LEU A 16 -8.17 17.67 -8.65
C LEU A 16 -8.01 16.30 -8.00
N SER A 17 -8.68 15.28 -8.57
CA SER A 17 -8.54 13.93 -8.06
C SER A 17 -7.18 13.33 -8.40
N VAL A 18 -6.64 13.65 -9.57
CA VAL A 18 -5.33 13.15 -9.95
C VAL A 18 -4.22 13.78 -9.10
N VAL A 19 -4.52 14.89 -8.41
CA VAL A 19 -3.56 15.53 -7.53
C VAL A 19 -3.86 15.12 -6.09
N GLY A 20 -5.15 14.98 -5.77
CA GLY A 20 -5.59 14.62 -4.44
C GLY A 20 -5.56 13.15 -4.11
N PHE A 21 -5.22 12.29 -5.08
CA PHE A 21 -5.14 10.85 -4.83
C PHE A 21 -3.76 10.26 -5.06
N ALA A 22 -2.87 10.97 -5.76
CA ALA A 22 -1.53 10.44 -6.02
C ALA A 22 -0.69 10.36 -4.75
N VAL A 23 -0.99 11.16 -3.75
CA VAL A 23 -0.26 11.16 -2.48
C VAL A 23 -1.19 10.62 -1.40
N ASP A 24 -0.69 9.63 -0.64
CA ASP A 24 -1.46 9.00 0.43
C ASP A 24 -0.48 8.65 1.54
N LEU A 25 -0.93 7.83 2.49
CA LEU A 25 -0.05 7.40 3.58
C LEU A 25 0.78 6.20 3.14
N ALA A 26 1.38 6.30 1.96
CA ALA A 26 2.38 5.35 1.51
C ALA A 26 3.55 6.02 0.82
N ASN A 27 3.51 7.33 0.63
CA ASN A 27 4.63 8.10 0.10
C ASN A 27 5.32 8.95 1.15
N VAL A 28 4.66 9.23 2.26
CA VAL A 28 5.23 10.01 3.34
C VAL A 28 5.56 9.17 4.56
N TRP A 29 5.12 7.92 4.63
CA TRP A 29 5.43 7.03 5.74
C TRP A 29 6.24 5.82 5.31
N ARG A 30 5.79 5.09 4.29
CA ARG A 30 6.40 3.81 3.93
C ARG A 30 7.60 3.95 3.01
N PHE A 31 7.69 5.03 2.25
CA PHE A 31 8.80 5.20 1.31
C PHE A 31 10.08 5.65 2.01
N PRO A 32 10.03 6.58 2.98
CA PRO A 32 11.29 6.98 3.65
C PRO A 32 12.11 5.84 4.21
N TYR A 33 11.50 4.92 4.97
CA TYR A 33 12.31 3.89 5.61
C TYR A 33 12.74 2.80 4.62
N LEU A 34 11.94 2.53 3.59
CA LEU A 34 12.40 1.62 2.55
C LEU A 34 13.58 2.20 1.78
N CYS A 35 13.55 3.50 1.51
CA CYS A 35 14.69 4.15 0.86
C CYS A 35 15.92 4.16 1.76
N TYR A 36 15.73 4.43 3.05
CA TYR A 36 16.85 4.45 3.99
C TYR A 36 17.47 3.08 4.14
N LYS A 37 16.64 2.03 4.25
CA LYS A 37 17.17 0.68 4.46
C LYS A 37 17.99 0.21 3.28
N ASN A 38 17.52 0.46 2.05
CA ASN A 38 18.19 -0.02 0.86
C ASN A 38 19.40 0.82 0.46
N GLY A 39 19.60 1.98 1.09
CA GLY A 39 20.78 2.78 0.83
C GLY A 39 20.48 4.19 0.38
N GLY A 40 19.43 4.36 -0.43
CA GLY A 40 19.11 5.66 -0.96
C GLY A 40 19.83 5.93 -2.27
N GLY A 41 19.08 6.23 -3.32
CA GLY A 41 19.65 6.39 -4.65
C GLY A 41 19.73 5.09 -5.42
N ALA A 42 20.30 4.05 -4.82
CA ALA A 42 20.28 2.73 -5.42
C ALA A 42 18.89 2.10 -5.38
N PHE A 43 17.96 2.70 -4.65
CA PHE A 43 16.57 2.25 -4.63
C PHE A 43 15.72 2.92 -5.70
N LEU A 44 16.18 4.03 -6.27
CA LEU A 44 15.42 4.73 -7.29
C LEU A 44 15.67 4.20 -8.70
N ILE A 45 16.66 3.34 -8.88
CA ILE A 45 16.93 2.74 -10.19
C ILE A 45 15.95 1.59 -10.44
N PRO A 46 15.73 0.66 -9.51
CA PRO A 46 14.69 -0.35 -9.69
C PRO A 46 13.28 0.16 -9.40
N TYR A 47 13.10 1.44 -9.11
CA TYR A 47 11.79 2.02 -8.89
C TYR A 47 11.22 2.63 -10.16
N THR A 48 12.00 3.48 -10.84
CA THR A 48 11.57 4.04 -12.11
C THR A 48 11.39 2.98 -13.18
N LEU A 49 12.24 1.96 -13.20
CA LEU A 49 12.09 0.88 -14.18
C LEU A 49 10.75 0.17 -14.02
N PHE A 50 10.39 -0.20 -12.80
CA PHE A 50 9.12 -0.88 -12.54
C PHE A 50 7.92 0.05 -12.67
N LEU A 51 8.10 1.35 -12.48
CA LEU A 51 7.03 2.30 -12.74
C LEU A 51 6.77 2.49 -14.23
N ILE A 52 7.82 2.52 -15.04
CA ILE A 52 7.64 2.66 -16.48
C ILE A 52 7.15 1.37 -17.12
N ILE A 53 7.69 0.21 -16.73
CA ILE A 53 7.40 -1.04 -17.42
C ILE A 53 6.04 -1.58 -17.01
N ALA A 54 5.85 -1.82 -15.71
CA ALA A 54 4.66 -2.52 -15.24
C ALA A 54 3.93 -1.74 -14.15
N GLY A 55 3.96 -0.41 -14.20
CA GLY A 55 3.20 0.37 -13.25
C GLY A 55 2.11 1.21 -13.91
N MET A 56 2.39 1.73 -15.09
CA MET A 56 1.41 2.47 -15.87
C MET A 56 0.47 1.55 -16.64
N PRO A 57 0.98 0.52 -17.34
CA PRO A 57 0.05 -0.40 -18.02
C PRO A 57 -0.92 -1.09 -17.09
N LEU A 58 -0.47 -1.54 -15.92
CA LEU A 58 -1.40 -2.11 -14.94
C LEU A 58 -1.93 -1.06 -13.98
N PHE A 59 -2.26 0.09 -14.53
CA PHE A 59 -3.13 1.13 -14.03
C PHE A 59 -4.14 1.53 -15.10
N TYR A 60 -3.68 1.67 -16.34
CA TYR A 60 -4.57 1.90 -17.47
C TYR A 60 -5.50 0.71 -17.69
N MET A 61 -4.95 -0.51 -17.61
CA MET A 61 -5.77 -1.70 -17.81
C MET A 61 -6.87 -1.80 -16.76
N GLU A 62 -6.51 -1.57 -15.49
CA GLU A 62 -7.49 -1.65 -14.41
C GLU A 62 -8.56 -0.57 -14.57
N LEU A 63 -8.15 0.67 -14.88
CA LEU A 63 -9.14 1.73 -15.07
C LEU A 63 -10.09 1.41 -16.21
N ALA A 64 -9.56 0.93 -17.34
CA ALA A 64 -10.41 0.61 -18.48
C ALA A 64 -11.36 -0.53 -18.15
N LEU A 65 -10.85 -1.57 -17.47
CA LEU A 65 -11.69 -2.71 -17.11
C LEU A 65 -12.83 -2.27 -16.19
N GLY A 66 -12.51 -1.46 -15.19
CA GLY A 66 -13.55 -0.99 -14.28
C GLY A 66 -14.57 -0.10 -14.97
N GLN A 67 -14.11 0.78 -15.86
CA GLN A 67 -15.04 1.70 -16.51
C GLN A 67 -15.92 0.99 -17.53
N TYR A 68 -15.40 -0.02 -18.24
CA TYR A 68 -16.23 -0.71 -19.21
C TYR A 68 -17.17 -1.71 -18.53
N ASN A 69 -16.61 -2.61 -17.72
CA ASN A 69 -17.42 -3.57 -16.97
C ASN A 69 -17.79 -2.92 -15.64
N ARG A 70 -18.97 -2.33 -15.57
CA ARG A 70 -19.38 -1.56 -14.40
C ARG A 70 -19.73 -2.48 -13.24
N GLU A 71 -18.75 -3.20 -12.72
CA GLU A 71 -18.92 -4.08 -11.57
C GLU A 71 -17.77 -3.87 -10.60
N GLY A 72 -17.86 -4.52 -9.45
CA GLY A 72 -16.84 -4.40 -8.43
C GLY A 72 -15.57 -5.15 -8.79
N ALA A 73 -14.76 -5.41 -7.76
CA ALA A 73 -13.48 -6.08 -7.94
C ALA A 73 -13.58 -7.60 -7.87
N ALA A 74 -14.76 -8.14 -7.56
CA ALA A 74 -14.94 -9.58 -7.44
C ALA A 74 -15.85 -10.19 -8.49
N THR A 75 -16.85 -9.45 -8.96
CA THR A 75 -17.78 -9.93 -9.96
C THR A 75 -17.48 -9.40 -11.35
N VAL A 76 -16.34 -8.72 -11.53
CA VAL A 76 -15.94 -8.23 -12.85
C VAL A 76 -15.51 -9.36 -13.77
N TRP A 77 -15.27 -10.55 -13.24
CA TRP A 77 -14.81 -11.69 -14.04
C TRP A 77 -15.97 -12.46 -14.65
N LYS A 78 -16.86 -11.74 -15.33
CA LYS A 78 -17.87 -12.37 -16.17
C LYS A 78 -17.37 -12.60 -17.59
N ILE A 79 -16.17 -12.08 -17.92
CA ILE A 79 -15.56 -12.33 -19.22
C ILE A 79 -14.71 -13.58 -19.24
N CYS A 80 -14.40 -14.15 -18.07
CA CYS A 80 -13.65 -15.39 -17.94
C CYS A 80 -13.96 -16.00 -16.58
N PRO A 81 -15.03 -16.80 -16.46
CA PRO A 81 -15.48 -17.25 -15.14
C PRO A 81 -14.47 -18.06 -14.35
N PHE A 82 -13.51 -18.71 -15.02
CA PHE A 82 -12.52 -19.51 -14.30
C PHE A 82 -11.65 -18.66 -13.38
N PHE A 83 -11.54 -17.36 -13.63
CA PHE A 83 -10.62 -16.50 -12.92
C PHE A 83 -11.29 -15.69 -11.82
N LYS A 84 -12.51 -16.06 -11.40
CA LYS A 84 -13.20 -15.30 -10.38
C LYS A 84 -12.51 -15.40 -9.02
N GLY A 85 -11.65 -16.40 -8.82
CA GLY A 85 -10.88 -16.46 -7.59
C GLY A 85 -9.89 -15.34 -7.41
N VAL A 86 -9.42 -14.73 -8.51
CA VAL A 86 -8.52 -13.59 -8.39
C VAL A 86 -9.24 -12.42 -7.74
N GLY A 87 -10.53 -12.27 -8.01
CA GLY A 87 -11.33 -11.25 -7.36
C GLY A 87 -11.47 -11.44 -5.87
N TYR A 88 -11.61 -12.69 -5.42
CA TYR A 88 -11.63 -13.00 -4.00
C TYR A 88 -10.27 -12.89 -3.35
N ALA A 89 -9.19 -13.08 -4.10
CA ALA A 89 -7.84 -13.04 -3.56
C ALA A 89 -7.32 -11.63 -3.34
N VAL A 90 -8.06 -10.60 -3.76
CA VAL A 90 -7.63 -9.21 -3.60
C VAL A 90 -8.47 -8.48 -2.56
N ILE A 91 -9.23 -9.20 -1.74
CA ILE A 91 -9.99 -8.62 -0.65
C ILE A 91 -9.39 -8.95 0.71
N LEU A 92 -8.85 -10.15 0.86
CA LEU A 92 -8.16 -10.51 2.10
C LEU A 92 -6.93 -9.62 2.33
N ILE A 93 -6.20 -9.33 1.25
CA ILE A 93 -5.05 -8.43 1.36
C ILE A 93 -5.50 -7.06 1.83
N ALA A 94 -6.59 -6.55 1.27
CA ALA A 94 -7.11 -5.26 1.69
C ALA A 94 -7.54 -5.29 3.15
N LEU A 95 -8.11 -6.42 3.60
CA LEU A 95 -8.49 -6.53 5.01
C LEU A 95 -7.27 -6.45 5.93
N TYR A 96 -6.20 -7.18 5.60
CA TYR A 96 -4.99 -7.12 6.43
C TYR A 96 -4.38 -5.73 6.43
N VAL A 97 -4.31 -5.11 5.25
CA VAL A 97 -3.77 -3.76 5.15
C VAL A 97 -4.62 -2.79 5.95
N GLY A 98 -5.95 -2.98 5.95
CA GLY A 98 -6.80 -2.14 6.77
C GLY A 98 -6.53 -2.29 8.25
N PHE A 99 -6.34 -3.54 8.70
CA PHE A 99 -6.00 -3.79 10.10
C PHE A 99 -4.79 -2.95 10.51
N TYR A 100 -3.65 -3.22 9.88
CA TYR A 100 -2.45 -2.54 10.38
C TYR A 100 -2.40 -1.06 9.96
N TYR A 101 -3.16 -0.68 8.93
CA TYR A 101 -3.27 0.72 8.54
C TYR A 101 -3.96 1.53 9.62
N ASN A 102 -5.11 1.05 10.11
CA ASN A 102 -5.80 1.74 11.19
C ASN A 102 -4.98 1.72 12.47
N VAL A 103 -4.29 0.62 12.74
CA VAL A 103 -3.40 0.58 13.91
C VAL A 103 -2.37 1.69 13.81
N ILE A 104 -1.79 1.89 12.62
CA ILE A 104 -0.77 2.91 12.45
C ILE A 104 -1.37 4.31 12.54
N ILE A 105 -2.57 4.51 11.99
CA ILE A 105 -3.23 5.80 12.08
C ILE A 105 -3.50 6.16 13.53
N ALA A 106 -3.72 5.16 14.39
CA ALA A 106 -3.97 5.44 15.80
C ALA A 106 -2.84 6.20 16.48
N TRP A 107 -1.61 6.13 15.95
CA TRP A 107 -0.48 6.83 16.56
C TRP A 107 -0.50 8.33 16.28
N SER A 108 -0.98 8.74 15.10
CA SER A 108 -0.99 10.15 14.75
C SER A 108 -1.92 10.94 15.67
N LEU A 109 -3.03 10.35 16.07
CA LEU A 109 -3.94 11.03 16.99
C LEU A 109 -3.27 11.26 18.35
N TYR A 110 -2.55 10.26 18.85
CA TYR A 110 -1.81 10.42 20.10
C TYR A 110 -0.76 11.51 19.97
N TYR A 111 -0.01 11.51 18.87
CA TYR A 111 1.04 12.52 18.69
C TYR A 111 0.46 13.92 18.55
N LEU A 112 -0.71 14.04 17.92
CA LEU A 112 -1.35 15.35 17.78
C LEU A 112 -1.89 15.84 19.12
N PHE A 113 -2.44 14.95 19.92
CA PHE A 113 -3.00 15.36 21.20
C PHE A 113 -1.90 15.69 22.19
N SER A 114 -0.73 15.05 22.04
CA SER A 114 0.36 15.28 22.96
C SER A 114 1.18 16.53 22.62
N SER A 115 0.78 17.29 21.61
CA SER A 115 1.56 18.45 21.15
C SER A 115 0.87 19.78 21.45
N PHE A 116 -0.14 19.80 22.31
CA PHE A 116 -0.82 21.05 22.67
C PHE A 116 -0.20 21.70 23.90
N THR A 117 1.13 21.87 23.87
CA THR A 117 1.86 22.53 24.95
C THR A 117 2.82 23.54 24.35
N LEU A 118 3.55 24.24 25.23
CA LEU A 118 4.60 25.14 24.79
C LEU A 118 5.95 24.45 24.74
N ASN A 119 6.16 23.43 25.57
CA ASN A 119 7.38 22.64 25.59
C ASN A 119 7.03 21.23 25.15
N LEU A 120 7.45 20.85 23.95
CA LEU A 120 7.07 19.57 23.39
C LEU A 120 7.75 18.42 24.15
N PRO A 121 7.08 17.28 24.28
CA PRO A 121 7.68 16.15 25.03
C PRO A 121 8.96 15.62 24.42
N TRP A 122 9.10 15.66 23.09
CA TRP A 122 10.22 15.01 22.42
C TRP A 122 11.46 15.88 22.35
N THR A 123 11.56 16.90 23.21
CA THR A 123 12.75 17.74 23.25
C THR A 123 13.52 17.66 24.57
N ASP A 124 12.89 17.20 25.65
CA ASP A 124 13.51 17.16 26.96
C ASP A 124 13.93 15.73 27.30
N CYS A 125 14.78 15.63 28.33
CA CYS A 125 15.38 14.38 28.77
C CYS A 125 15.22 14.24 30.28
N GLY A 126 14.04 14.56 30.79
CA GLY A 126 13.79 14.51 32.22
C GLY A 126 12.40 14.08 32.61
N HIS A 127 11.69 13.41 31.71
CA HIS A 127 10.31 13.00 31.97
C HIS A 127 10.28 11.63 32.64
N THR A 128 9.06 11.21 33.02
CA THR A 128 8.89 9.97 33.77
C THR A 128 9.30 8.75 32.95
N TRP A 129 8.97 8.74 31.66
CA TRP A 129 9.23 7.58 30.81
C TRP A 129 10.70 7.47 30.39
N ASN A 130 11.57 8.36 30.86
CA ASN A 130 12.95 8.38 30.43
C ASN A 130 13.80 7.46 31.31
N SER A 131 14.51 6.54 30.67
CA SER A 131 15.42 5.64 31.36
C SER A 131 16.67 6.39 31.82
N PRO A 132 17.40 5.85 32.83
CA PRO A 132 18.65 6.48 33.27
C PRO A 132 19.83 6.22 32.33
N ASN A 133 19.57 6.33 31.03
CA ASN A 133 20.60 6.26 30.01
C ASN A 133 20.43 7.33 28.94
N CYS A 134 19.39 8.16 29.05
CA CYS A 134 19.17 9.25 28.11
C CYS A 134 20.33 10.22 28.09
N THR A 135 20.70 10.67 26.89
CA THR A 135 21.76 11.64 26.69
C THR A 135 21.22 12.81 25.86
N ASP A 136 21.46 14.03 26.34
CA ASP A 136 20.99 15.23 25.66
C ASP A 136 22.18 15.94 25.02
N PRO A 137 22.22 16.08 23.70
CA PRO A 137 23.36 16.75 23.06
C PRO A 137 23.37 18.26 23.28
N LYS A 138 23.37 18.68 24.55
CA LYS A 138 23.44 20.10 24.89
C LYS A 138 23.86 20.28 26.34
N SER A 152 24.33 0.20 14.86
CA SER A 152 22.91 -0.15 14.85
C SER A 152 22.03 1.10 14.90
N LYS A 153 21.76 1.57 16.12
CA LYS A 153 20.94 2.75 16.33
C LYS A 153 21.11 3.20 17.78
N TYR A 154 21.19 4.53 17.93
CA TYR A 154 21.24 5.08 19.29
C TYR A 154 19.80 5.20 19.76
N LYS A 155 19.44 4.43 20.77
CA LYS A 155 18.08 4.42 21.28
C LYS A 155 17.89 5.31 22.51
N PHE A 156 18.92 6.03 22.94
CA PHE A 156 18.86 6.86 24.13
C PHE A 156 18.62 8.33 23.81
N THR A 157 18.41 8.67 22.54
CA THR A 157 18.12 10.06 22.19
C THR A 157 16.74 10.45 22.70
N PRO A 158 16.56 11.72 23.11
CA PRO A 158 15.27 12.13 23.69
C PRO A 158 14.09 11.93 22.75
N ALA A 159 14.26 12.15 21.45
CA ALA A 159 13.15 12.02 20.52
C ALA A 159 12.81 10.58 20.19
N ALA A 160 13.80 9.69 20.15
CA ALA A 160 13.56 8.28 19.88
C ALA A 160 13.18 7.49 21.13
N GLU A 161 13.45 8.03 22.32
CA GLU A 161 13.00 7.40 23.55
C GLU A 161 11.51 7.60 23.82
N PHE A 162 10.98 8.77 23.46
CA PHE A 162 9.55 9.04 23.61
C PHE A 162 8.73 7.99 22.87
N TYR A 163 9.03 7.80 21.57
CA TYR A 163 8.26 6.87 20.74
C TYR A 163 8.31 5.46 21.30
N GLU A 164 9.48 5.03 21.77
CA GLU A 164 9.63 3.65 22.22
C GLU A 164 9.01 3.42 23.60
N ARG A 165 9.06 4.40 24.49
CA ARG A 165 8.66 4.16 25.87
C ARG A 165 7.33 4.82 26.24
N GLY A 166 7.18 6.12 25.98
CA GLY A 166 5.97 6.80 26.40
C GLY A 166 4.81 6.69 25.45
N VAL A 167 4.97 5.98 24.33
CA VAL A 167 3.91 5.78 23.34
C VAL A 167 3.64 4.29 23.11
N LEU A 168 4.69 3.53 22.81
CA LEU A 168 4.55 2.11 22.53
C LEU A 168 4.70 1.24 23.77
N HIS A 169 5.43 1.71 24.78
CA HIS A 169 5.72 0.94 25.98
C HIS A 169 6.37 -0.40 25.63
N LEU A 170 7.38 -0.34 24.74
CA LEU A 170 8.02 -1.54 24.24
C LEU A 170 8.94 -2.19 25.26
N HIS A 171 9.34 -1.46 26.31
CA HIS A 171 10.29 -1.99 27.28
C HIS A 171 9.69 -3.07 28.18
N GLU A 172 8.39 -3.34 28.06
CA GLU A 172 7.73 -4.36 28.88
C GLU A 172 7.47 -5.65 28.11
N SER A 173 8.00 -5.78 26.89
CA SER A 173 7.81 -6.97 26.08
C SER A 173 9.18 -7.53 25.69
N SER A 174 9.37 -8.83 25.92
CA SER A 174 10.64 -9.48 25.63
C SER A 174 10.67 -10.12 24.24
N GLY A 175 9.57 -10.07 23.50
CA GLY A 175 9.54 -10.66 22.18
C GLY A 175 8.11 -10.82 21.70
N ILE A 176 7.97 -11.53 20.58
CA ILE A 176 6.65 -11.81 20.02
C ILE A 176 5.94 -12.94 20.75
N HIS A 177 6.65 -13.69 21.59
CA HIS A 177 6.05 -14.77 22.36
C HIS A 177 5.59 -14.34 23.74
N ASP A 178 5.68 -13.06 24.08
CA ASP A 178 5.28 -12.55 25.38
C ASP A 178 4.00 -11.71 25.31
N ILE A 179 4.01 -10.64 24.52
CA ILE A 179 2.88 -9.76 24.22
C ILE A 179 1.93 -9.58 25.40
N GLY A 180 2.04 -8.45 26.09
CA GLY A 180 1.18 -8.19 27.23
C GLY A 180 -0.22 -7.79 26.82
N LEU A 181 -0.97 -7.30 27.80
CA LEU A 181 -2.33 -6.85 27.56
C LEU A 181 -2.34 -5.57 26.74
N PRO A 182 -3.45 -5.27 26.06
CA PRO A 182 -3.50 -4.05 25.25
C PRO A 182 -3.35 -2.80 26.09
N GLN A 183 -2.73 -1.79 25.50
CA GLN A 183 -2.53 -0.51 26.17
C GLN A 183 -3.83 0.30 26.17
N TRP A 184 -4.18 0.85 27.32
CA TRP A 184 -5.46 1.52 27.48
C TRP A 184 -5.48 2.94 26.89
N GLN A 185 -4.32 3.50 26.54
CA GLN A 185 -4.28 4.85 26.01
C GLN A 185 -4.48 4.90 24.50
N LEU A 186 -3.93 3.92 23.77
CA LEU A 186 -4.15 3.86 22.33
C LEU A 186 -5.49 3.23 21.98
N LEU A 187 -6.12 2.54 22.92
CA LEU A 187 -7.43 1.93 22.67
C LEU A 187 -8.47 3.00 22.37
N LEU A 188 -8.47 4.10 23.12
CA LEU A 188 -9.43 5.17 22.88
C LEU A 188 -9.23 5.80 21.51
N CYS A 189 -7.98 6.01 21.10
CA CYS A 189 -7.72 6.54 19.77
C CYS A 189 -8.19 5.57 18.68
N LEU A 190 -7.98 4.27 18.90
CA LEU A 190 -8.46 3.28 17.94
C LEU A 190 -9.98 3.31 17.82
N MET A 191 -10.68 3.43 18.96
CA MET A 191 -12.13 3.53 18.92
C MET A 191 -12.58 4.79 18.20
N VAL A 192 -11.87 5.90 18.42
CA VAL A 192 -12.23 7.15 17.74
C VAL A 192 -12.08 6.99 16.22
N VAL A 193 -10.97 6.38 15.79
CA VAL A 193 -10.76 6.17 14.36
C VAL A 193 -11.84 5.26 13.78
N VAL A 194 -12.18 4.19 14.51
CA VAL A 194 -13.20 3.26 14.03
C VAL A 194 -14.55 3.95 13.90
N ILE A 195 -14.92 4.77 14.89
CA ILE A 195 -16.20 5.48 14.83
C ILE A 195 -16.21 6.45 13.65
N VAL A 196 -15.12 7.17 13.44
CA VAL A 196 -15.04 8.11 12.32
C VAL A 196 -15.21 7.37 11.00
N LEU A 197 -14.51 6.24 10.83
CA LEU A 197 -14.62 5.48 9.59
C LEU A 197 -16.03 4.98 9.38
N TYR A 198 -16.65 4.42 10.42
CA TYR A 198 -18.01 3.88 10.28
C TYR A 198 -18.97 4.97 9.88
N PHE A 199 -18.98 6.09 10.62
CA PHE A 199 -19.91 7.17 10.29
C PHE A 199 -19.56 7.87 8.98
N SER A 200 -18.35 7.67 8.46
CA SER A 200 -18.04 8.16 7.13
C SER A 200 -18.59 7.25 6.03
N LEU A 201 -18.60 5.93 6.26
CA LEU A 201 -19.03 4.98 5.24
C LEU A 201 -20.33 4.25 5.62
N TRP A 202 -21.26 4.93 6.26
CA TRP A 202 -22.47 4.27 6.74
C TRP A 202 -23.70 4.53 5.89
N LYS A 203 -23.68 5.56 5.04
CA LYS A 203 -24.89 5.84 4.27
C LYS A 203 -24.66 5.94 2.77
N GLY A 204 -23.54 6.51 2.34
CA GLY A 204 -23.34 6.79 0.93
C GLY A 204 -21.96 6.40 0.46
N VAL A 205 -21.86 6.12 -0.83
CA VAL A 205 -20.59 5.81 -1.47
C VAL A 205 -19.78 7.07 -1.77
N LYS A 206 -20.43 8.23 -1.87
CA LYS A 206 -19.75 9.45 -2.23
C LYS A 206 -18.94 10.00 -1.07
N THR A 207 -17.84 9.33 -0.73
CA THR A 207 -16.94 9.74 0.35
C THR A 207 -15.67 10.38 -0.19
N SER A 208 -15.76 11.05 -1.33
CA SER A 208 -14.60 11.69 -1.95
C SER A 208 -14.86 13.11 -2.45
N GLY A 209 -16.11 13.58 -2.47
CA GLY A 209 -16.40 14.90 -2.98
C GLY A 209 -16.26 16.04 -2.00
N LYS A 210 -15.98 15.74 -0.73
CA LYS A 210 -15.91 16.78 0.29
C LYS A 210 -14.69 16.64 1.20
N VAL A 211 -13.76 15.75 0.89
CA VAL A 211 -12.62 15.51 1.76
C VAL A 211 -11.33 15.54 0.94
N VAL A 212 -11.39 16.07 -0.27
CA VAL A 212 -10.23 16.14 -1.15
C VAL A 212 -9.63 17.54 -1.20
N TRP A 213 -10.07 18.44 -0.33
CA TRP A 213 -9.51 19.79 -0.26
C TRP A 213 -8.50 19.94 0.87
N ILE A 214 -8.19 18.86 1.59
CA ILE A 214 -7.23 18.92 2.68
C ILE A 214 -6.08 17.97 2.37
N THR A 215 -6.35 16.92 1.62
CA THR A 215 -5.33 15.95 1.22
C THR A 215 -4.69 16.30 -0.12
N ALA A 216 -5.16 17.34 -0.80
CA ALA A 216 -4.60 17.75 -2.07
C ALA A 216 -3.73 18.99 -1.97
N THR A 217 -3.86 19.78 -0.91
CA THR A 217 -3.12 21.02 -0.75
C THR A 217 -2.17 21.00 0.44
N LEU A 218 -2.66 20.59 1.61
CA LEU A 218 -1.83 20.63 2.81
C LEU A 218 -0.58 19.75 2.73
N PRO A 219 -0.64 18.49 2.29
CA PRO A 219 0.60 17.70 2.22
C PRO A 219 1.69 18.33 1.37
N TYR A 220 1.32 18.93 0.24
CA TYR A 220 2.32 19.58 -0.61
C TYR A 220 2.93 20.79 0.08
N PHE A 221 2.11 21.59 0.75
CA PHE A 221 2.64 22.75 1.48
C PHE A 221 3.60 22.33 2.58
N VAL A 222 3.22 21.32 3.36
CA VAL A 222 4.09 20.86 4.45
C VAL A 222 5.39 20.29 3.90
N LEU A 223 5.30 19.49 2.82
CA LEU A 223 6.50 18.92 2.23
C LEU A 223 7.42 20.01 1.68
N PHE A 224 6.83 21.03 1.05
CA PHE A 224 7.65 22.14 0.53
C PHE A 224 8.33 22.89 1.65
N VAL A 225 7.62 23.15 2.76
CA VAL A 225 8.23 23.85 3.89
C VAL A 225 9.39 23.02 4.45
N LEU A 226 9.16 21.72 4.63
CA LEU A 226 10.22 20.86 5.17
C LEU A 226 11.43 20.82 4.23
N LEU A 227 11.19 20.71 2.93
CA LEU A 227 12.29 20.66 1.97
C LEU A 227 13.07 21.96 1.93
N VAL A 228 12.38 23.10 1.94
CA VAL A 228 13.06 24.38 1.88
C VAL A 228 13.75 24.71 3.19
N HIS A 229 13.34 24.08 4.30
CA HIS A 229 14.05 24.29 5.56
C HIS A 229 15.22 23.35 5.75
N GLY A 230 15.13 22.12 5.25
CA GLY A 230 16.16 21.13 5.52
C GLY A 230 17.40 21.23 4.65
N VAL A 231 17.66 22.41 4.10
CA VAL A 231 18.89 22.63 3.33
C VAL A 231 19.84 23.60 4.01
N THR A 232 19.37 24.42 4.96
CA THR A 232 20.24 25.32 5.70
C THR A 232 20.70 24.74 7.03
N LEU A 233 20.28 23.51 7.36
CA LEU A 233 20.69 22.91 8.62
C LEU A 233 22.18 22.56 8.57
N PRO A 234 22.91 22.80 9.65
CA PRO A 234 24.32 22.40 9.69
C PRO A 234 24.50 20.93 9.35
N GLY A 235 25.46 20.64 8.47
CA GLY A 235 25.76 19.28 8.12
C GLY A 235 24.70 18.57 7.29
N ALA A 236 23.81 19.32 6.65
CA ALA A 236 22.76 18.72 5.83
C ALA A 236 23.21 18.42 4.41
N SER A 237 24.38 18.90 4.00
CA SER A 237 24.91 18.57 2.68
C SER A 237 25.44 17.15 2.61
N ASN A 238 25.95 16.62 3.72
CA ASN A 238 26.42 15.24 3.78
C ASN A 238 25.28 14.24 3.67
N GLY A 239 24.04 14.65 3.92
CA GLY A 239 22.90 13.76 3.81
C GLY A 239 22.27 13.76 2.44
N ILE A 240 22.60 14.78 1.63
CA ILE A 240 22.15 14.84 0.25
C ILE A 240 23.25 14.48 -0.73
N ASN A 241 24.51 14.44 -0.28
CA ASN A 241 25.59 13.90 -1.09
C ASN A 241 25.61 12.37 -1.10
N ALA A 242 24.89 11.74 -0.16
CA ALA A 242 24.75 10.29 -0.17
C ALA A 242 23.46 9.85 -0.84
N TYR A 243 22.43 10.69 -0.85
CA TYR A 243 21.22 10.39 -1.59
C TYR A 243 21.48 10.39 -3.09
N LEU A 244 22.23 11.39 -3.58
CA LEU A 244 22.60 11.47 -4.99
C LEU A 244 23.97 10.83 -5.21
N HIS A 245 24.06 9.56 -4.85
CA HIS A 245 25.29 8.80 -4.98
C HIS A 245 24.92 7.33 -5.13
N ILE A 246 25.12 6.80 -6.33
CA ILE A 246 24.70 5.44 -6.67
C ILE A 246 25.86 4.49 -6.41
N ASP A 247 25.59 3.42 -5.67
CA ASP A 247 26.54 2.33 -5.51
C ASP A 247 26.04 1.10 -6.27
N PHE A 248 26.99 0.30 -6.76
CA PHE A 248 26.67 -0.76 -7.70
C PHE A 248 26.92 -2.14 -7.11
N TYR A 249 26.88 -2.26 -5.78
CA TYR A 249 26.98 -3.55 -5.13
C TYR A 249 25.69 -3.97 -4.44
N ARG A 250 24.74 -3.06 -4.25
CA ARG A 250 23.42 -3.40 -3.73
C ARG A 250 22.44 -3.81 -4.81
N LEU A 251 22.79 -3.63 -6.08
CA LEU A 251 21.92 -4.01 -7.19
C LEU A 251 22.12 -5.45 -7.62
N LYS A 252 23.14 -6.13 -7.10
CA LYS A 252 23.39 -7.53 -7.41
C LYS A 252 22.70 -8.47 -6.42
N GLU A 253 21.98 -7.93 -5.44
CA GLU A 253 21.26 -8.73 -4.46
C GLU A 253 19.76 -8.51 -4.66
N ALA A 254 19.00 -9.61 -4.63
CA ALA A 254 17.58 -9.56 -4.95
C ALA A 254 16.76 -9.24 -3.71
N THR A 255 16.96 -8.02 -3.20
CA THR A 255 16.11 -7.46 -2.16
C THR A 255 15.50 -6.12 -2.55
N VAL A 256 16.30 -5.23 -3.15
CA VAL A 256 15.77 -3.96 -3.61
C VAL A 256 14.81 -4.15 -4.78
N TRP A 257 15.12 -5.11 -5.65
CA TRP A 257 14.25 -5.39 -6.79
C TRP A 257 12.87 -5.89 -6.35
N ILE A 258 12.77 -6.49 -5.17
CA ILE A 258 11.48 -6.91 -4.63
C ILE A 258 10.82 -5.80 -3.84
N ASP A 259 11.61 -5.04 -3.06
CA ASP A 259 11.04 -3.95 -2.28
C ASP A 259 10.42 -2.89 -3.18
N ALA A 260 11.12 -2.51 -4.25
CA ALA A 260 10.59 -1.52 -5.18
C ALA A 260 9.34 -2.04 -5.89
N ALA A 261 9.35 -3.32 -6.29
CA ALA A 261 8.20 -3.89 -6.97
C ALA A 261 6.97 -3.90 -6.07
N THR A 262 7.16 -4.24 -4.80
CA THR A 262 6.02 -4.23 -3.87
C THR A 262 5.56 -2.82 -3.58
N GLN A 263 6.49 -1.87 -3.40
CA GLN A 263 6.13 -0.50 -3.07
C GLN A 263 5.40 0.18 -4.22
N ILE A 264 5.75 -0.16 -5.47
CA ILE A 264 5.08 0.46 -6.61
C ILE A 264 3.60 0.13 -6.59
N PHE A 265 3.26 -1.15 -6.36
CA PHE A 265 1.85 -1.54 -6.33
C PHE A 265 1.17 -1.08 -5.05
N PHE A 266 1.92 -0.95 -3.95
CA PHE A 266 1.33 -0.41 -2.74
C PHE A 266 0.94 1.05 -2.89
N SER A 267 1.78 1.84 -3.55
CA SER A 267 1.55 3.27 -3.69
C SER A 267 0.66 3.63 -4.87
N LEU A 268 0.57 2.78 -5.89
CA LEU A 268 -0.28 3.07 -7.04
C LEU A 268 -1.72 2.64 -6.83
N GLY A 269 -1.96 1.61 -6.02
CA GLY A 269 -3.28 1.10 -5.77
C GLY A 269 -3.66 -0.15 -6.52
N ALA A 270 -2.87 -0.54 -7.52
CA ALA A 270 -3.16 -1.75 -8.27
C ALA A 270 -2.96 -3.00 -7.40
N GLY A 271 -3.77 -4.01 -7.66
CA GLY A 271 -3.71 -5.25 -6.92
C GLY A 271 -4.55 -5.30 -5.67
N PHE A 272 -5.24 -4.21 -5.31
CA PHE A 272 -6.10 -4.18 -4.14
C PHE A 272 -7.58 -4.11 -4.48
N GLY A 273 -7.93 -3.94 -5.76
CA GLY A 273 -9.31 -3.80 -6.15
C GLY A 273 -9.90 -2.41 -5.96
N VAL A 274 -9.10 -1.45 -5.51
CA VAL A 274 -9.60 -0.09 -5.30
C VAL A 274 -9.88 0.58 -6.64
N LEU A 275 -9.00 0.40 -7.62
CA LEU A 275 -9.14 1.09 -8.89
C LEU A 275 -10.40 0.67 -9.63
N ILE A 276 -10.69 -0.64 -9.66
CA ILE A 276 -11.88 -1.12 -10.36
C ILE A 276 -13.14 -0.58 -9.69
N ALA A 277 -13.19 -0.64 -8.36
CA ALA A 277 -14.36 -0.17 -7.64
C ALA A 277 -14.58 1.33 -7.83
N PHE A 278 -13.50 2.11 -7.81
CA PHE A 278 -13.63 3.55 -7.96
C PHE A 278 -13.80 4.00 -9.40
N ALA A 279 -13.51 3.13 -10.37
CA ALA A 279 -13.76 3.43 -11.77
C ALA A 279 -15.13 2.98 -12.23
N SER A 280 -15.72 1.97 -11.58
CA SER A 280 -17.05 1.53 -11.94
C SER A 280 -18.13 2.57 -11.64
N TYR A 281 -17.81 3.59 -10.86
CA TYR A 281 -18.76 4.65 -10.52
C TYR A 281 -18.60 5.89 -11.40
N ASN A 282 -17.68 5.88 -12.35
CA ASN A 282 -17.44 7.04 -13.19
C ASN A 282 -18.35 7.00 -14.41
N LYS A 283 -18.11 7.88 -15.37
CA LYS A 283 -18.92 7.98 -16.57
C LYS A 283 -18.39 7.00 -17.63
N PHE A 284 -18.93 7.09 -18.84
CA PHE A 284 -18.54 6.20 -19.93
C PHE A 284 -17.69 6.89 -20.99
N ASP A 285 -17.34 8.16 -20.78
CA ASP A 285 -16.50 8.89 -21.74
C ASP A 285 -15.26 9.48 -21.10
N ASN A 286 -14.92 9.07 -19.88
CA ASN A 286 -13.72 9.57 -19.22
C ASN A 286 -12.47 9.09 -19.94
N ASN A 287 -11.41 9.89 -19.87
CA ASN A 287 -10.14 9.57 -20.52
C ASN A 287 -9.22 8.91 -19.49
N CYS A 288 -9.07 7.58 -19.59
CA CYS A 288 -8.15 6.87 -18.72
C CYS A 288 -6.70 7.06 -19.13
N TYR A 289 -6.43 7.42 -20.38
CA TYR A 289 -5.07 7.65 -20.83
C TYR A 289 -4.44 8.81 -20.08
N ARG A 290 -5.13 9.96 -20.07
CA ARG A 290 -4.60 11.14 -19.38
C ARG A 290 -4.56 10.92 -17.87
N ASP A 291 -5.60 10.31 -17.31
CA ASP A 291 -5.62 10.07 -15.86
C ASP A 291 -4.59 9.04 -15.43
N ALA A 292 -4.13 8.19 -16.34
CA ALA A 292 -3.07 7.23 -16.03
C ALA A 292 -1.68 7.85 -16.21
N LEU A 293 -1.53 8.73 -17.20
CA LEU A 293 -0.24 9.39 -17.41
C LEU A 293 -0.02 10.57 -16.47
N LEU A 294 -1.06 11.07 -15.82
CA LEU A 294 -0.94 12.22 -14.93
C LEU A 294 -0.85 11.85 -13.47
N THR A 295 -0.83 10.54 -13.16
CA THR A 295 -0.68 10.09 -11.78
C THR A 295 0.68 9.50 -11.47
N SER A 296 1.25 8.73 -12.40
CA SER A 296 2.57 8.15 -12.19
C SER A 296 3.64 9.23 -12.07
N SER A 297 3.54 10.29 -12.86
CA SER A 297 4.51 11.38 -12.79
C SER A 297 4.48 12.05 -11.42
N ILE A 298 3.27 12.34 -10.93
CA ILE A 298 3.16 12.97 -9.62
C ILE A 298 3.65 12.03 -8.53
N ASN A 299 3.38 10.73 -8.67
CA ASN A 299 3.86 9.76 -7.70
C ASN A 299 5.39 9.76 -7.65
N CYS A 300 6.03 9.74 -8.82
CA CYS A 300 7.48 9.72 -8.87
C CYS A 300 8.08 10.99 -8.29
N ILE A 301 7.50 12.14 -8.64
CA ILE A 301 8.03 13.42 -8.14
C ILE A 301 7.88 13.50 -6.63
N THR A 302 6.72 13.11 -6.10
CA THR A 302 6.50 13.15 -4.66
C THR A 302 7.46 12.21 -3.94
N SER A 303 7.66 11.00 -4.47
CA SER A 303 8.59 10.07 -3.83
C SER A 303 10.01 10.61 -3.83
N PHE A 304 10.44 11.19 -4.94
CA PHE A 304 11.79 11.74 -5.02
C PHE A 304 11.98 12.89 -4.03
N VAL A 305 10.99 13.79 -3.94
CA VAL A 305 11.10 14.93 -3.02
C VAL A 305 11.10 14.44 -1.57
N SER A 306 10.24 13.46 -1.25
CA SER A 306 10.20 12.93 0.10
C SER A 306 11.53 12.30 0.48
N GLY A 307 12.12 11.53 -0.44
CA GLY A 307 13.43 10.95 -0.18
C GLY A 307 14.49 12.01 0.04
N PHE A 308 14.46 13.06 -0.78
CA PHE A 308 15.42 14.16 -0.63
C PHE A 308 15.32 14.79 0.76
N ALA A 309 14.10 15.13 1.19
CA ALA A 309 13.93 15.76 2.50
C ALA A 309 14.33 14.82 3.63
N ILE A 310 13.95 13.54 3.53
CA ILE A 310 14.27 12.59 4.59
C ILE A 310 15.77 12.43 4.73
N PHE A 311 16.48 12.30 3.60
CA PHE A 311 17.92 12.13 3.68
C PHE A 311 18.61 13.42 4.13
N SER A 312 18.05 14.59 3.81
CA SER A 312 18.60 15.82 4.35
C SER A 312 18.49 15.87 5.86
N ILE A 313 17.34 15.47 6.41
CA ILE A 313 17.19 15.44 7.86
C ILE A 313 18.13 14.41 8.49
N LEU A 314 18.28 13.25 7.83
CA LEU A 314 19.20 12.23 8.34
C LEU A 314 20.63 12.73 8.35
N GLY A 315 21.03 13.45 7.30
CA GLY A 315 22.35 14.06 7.29
C GLY A 315 22.52 15.12 8.35
N TYR A 316 21.45 15.86 8.66
CA TYR A 316 21.52 16.80 9.78
C TYR A 316 21.75 16.08 11.09
N MET A 317 21.08 14.94 11.30
CA MET A 317 21.29 14.21 12.54
C MET A 317 22.52 13.32 12.47
N ALA A 318 23.65 13.90 12.04
CA ALA A 318 24.95 13.25 12.15
C ALA A 318 26.04 14.20 12.60
N HIS A 319 25.83 15.50 12.53
CA HIS A 319 26.74 16.49 13.08
C HIS A 319 26.44 16.81 14.54
N GLU A 320 25.40 16.21 15.10
CA GLU A 320 25.02 16.39 16.50
C GLU A 320 25.47 15.22 17.37
N HIS A 321 25.19 13.99 16.94
CA HIS A 321 25.62 12.80 17.65
C HIS A 321 27.03 12.37 17.27
N LYS A 322 27.64 12.99 16.27
CA LYS A 322 29.00 12.69 15.83
C LYS A 322 29.16 11.22 15.43
N VAL A 323 28.18 10.66 14.73
CA VAL A 323 28.25 9.28 14.27
C VAL A 323 27.94 9.22 12.79
N ASN A 324 27.94 8.01 12.23
CA ASN A 324 27.75 7.83 10.79
C ASN A 324 26.27 7.97 10.42
N ILE A 325 26.03 8.15 9.11
CA ILE A 325 24.67 8.29 8.63
C ILE A 325 23.91 6.96 8.74
N GLU A 326 24.59 5.85 8.49
CA GLU A 326 23.94 4.54 8.55
C GLU A 326 23.67 4.08 9.98
N ASP A 327 24.23 4.74 10.99
CA ASP A 327 24.10 4.32 12.37
C ASP A 327 23.08 5.12 13.18
N VAL A 328 22.35 6.04 12.54
CA VAL A 328 21.35 6.83 13.22
C VAL A 328 19.96 6.33 12.84
N ALA A 329 19.01 6.50 13.75
CA ALA A 329 17.61 6.19 13.52
C ALA A 329 17.38 4.70 13.26
N THR A 330 16.12 4.31 13.10
CA THR A 330 15.75 2.92 12.87
C THR A 330 15.33 2.73 11.41
N GLU A 331 15.24 1.46 11.02
CA GLU A 331 14.80 1.08 9.68
C GLU A 331 13.42 0.43 9.70
N GLY A 332 12.66 0.65 10.75
CA GLY A 332 11.32 0.09 10.90
C GLY A 332 10.24 1.09 10.52
N ALA A 333 9.08 0.94 11.15
CA ALA A 333 7.92 1.76 10.84
C ALA A 333 7.90 3.09 11.60
N GLY A 334 8.83 3.31 12.51
CA GLY A 334 8.90 4.54 13.28
C GLY A 334 9.89 5.56 12.76
N LEU A 335 10.40 5.41 11.54
CA LEU A 335 11.41 6.33 11.04
C LEU A 335 10.85 7.73 10.91
N VAL A 336 9.62 7.87 10.38
CA VAL A 336 9.04 9.19 10.25
C VAL A 336 8.72 9.81 11.60
N PHE A 337 8.22 9.03 12.55
CA PHE A 337 7.90 9.52 13.88
C PHE A 337 9.14 9.84 14.71
N ILE A 338 10.31 9.35 14.30
CA ILE A 338 11.56 9.72 14.97
C ILE A 338 12.18 10.92 14.25
N LEU A 339 11.99 11.00 12.94
CA LEU A 339 12.62 12.03 12.12
C LEU A 339 11.90 13.37 12.24
N TYR A 340 10.63 13.39 11.83
CA TYR A 340 9.91 14.66 11.72
C TYR A 340 9.77 15.41 13.04
N PRO A 341 9.44 14.78 14.17
CA PRO A 341 9.47 15.53 15.44
C PRO A 341 10.83 16.11 15.77
N GLU A 342 11.91 15.50 15.31
CA GLU A 342 13.24 16.04 15.55
C GLU A 342 13.59 17.18 14.59
N ALA A 343 12.79 17.38 13.53
CA ALA A 343 12.98 18.51 12.63
C ALA A 343 12.03 19.66 12.93
N ILE A 344 10.86 19.37 13.50
CA ILE A 344 9.94 20.44 13.87
C ILE A 344 10.53 21.32 14.96
N SER A 345 11.30 20.72 15.88
CA SER A 345 11.86 21.46 17.01
C SER A 345 12.83 22.56 16.60
N THR A 346 13.35 22.52 15.37
CA THR A 346 14.27 23.55 14.90
C THR A 346 13.55 24.75 14.29
N LEU A 347 12.34 24.56 13.77
CA LEU A 347 11.59 25.67 13.21
C LEU A 347 11.08 26.60 14.32
N SER A 348 10.97 27.89 14.00
CA SER A 348 10.40 28.84 14.93
C SER A 348 8.89 28.64 15.01
N GLY A 349 8.37 28.56 16.24
CA GLY A 349 6.97 28.24 16.43
C GLY A 349 6.70 26.76 16.23
N SER A 350 7.29 25.93 17.09
CA SER A 350 7.25 24.49 16.89
C SER A 350 5.84 23.93 17.03
N THR A 351 5.05 24.48 17.95
CA THR A 351 3.71 23.93 18.19
C THR A 351 2.83 24.05 16.96
N PHE A 352 2.87 25.21 16.28
CA PHE A 352 2.07 25.42 15.08
C PHE A 352 2.40 24.39 14.01
N TRP A 353 3.69 24.19 13.74
CA TRP A 353 4.09 23.26 12.69
C TRP A 353 3.80 21.82 13.08
N ALA A 354 3.95 21.46 14.35
CA ALA A 354 3.60 20.11 14.79
C ALA A 354 2.12 19.85 14.60
N VAL A 355 1.27 20.80 14.99
CA VAL A 355 -0.17 20.64 14.82
C VAL A 355 -0.53 20.47 13.35
N VAL A 356 0.05 21.33 12.49
CA VAL A 356 -0.25 21.24 11.06
C VAL A 356 0.20 19.90 10.49
N PHE A 357 1.40 19.46 10.84
CA PHE A 357 1.93 18.20 10.31
C PHE A 357 1.05 17.02 10.71
N PHE A 358 0.66 16.96 11.98
CA PHE A 358 -0.11 15.79 12.41
C PHE A 358 -1.56 15.86 11.93
N VAL A 359 -2.10 17.06 11.73
CA VAL A 359 -3.41 17.17 11.09
C VAL A 359 -3.35 16.64 9.67
N MET A 360 -2.28 16.98 8.93
CA MET A 360 -2.12 16.47 7.58
C MET A 360 -2.01 14.94 7.58
N LEU A 361 -1.23 14.40 8.53
CA LEU A 361 -1.10 12.95 8.61
C LEU A 361 -2.44 12.28 8.89
N LEU A 362 -3.22 12.84 9.82
CA LEU A 362 -4.53 12.28 10.13
C LEU A 362 -5.44 12.29 8.91
N ALA A 363 -5.45 13.41 8.17
CA ALA A 363 -6.31 13.50 7.00
C ALA A 363 -5.92 12.47 5.94
N LEU A 364 -4.62 12.34 5.68
CA LEU A 364 -4.15 11.36 4.69
C LEU A 364 -4.54 9.95 5.09
N GLY A 365 -4.28 9.59 6.35
CA GLY A 365 -4.62 8.25 6.81
C GLY A 365 -6.10 7.96 6.74
N LEU A 366 -6.93 8.92 7.15
CA LEU A 366 -8.37 8.71 7.12
C LEU A 366 -8.87 8.52 5.69
N ASP A 367 -8.38 9.34 4.75
CA ASP A 367 -8.82 9.19 3.37
C ASP A 367 -8.40 7.84 2.79
N SER A 368 -7.16 7.40 3.05
CA SER A 368 -6.71 6.12 2.52
C SER A 368 -7.52 4.97 3.11
N SER A 369 -7.77 5.00 4.43
CA SER A 369 -8.53 3.94 5.06
C SER A 369 -9.97 3.90 4.54
N MET A 370 -10.58 5.08 4.34
CA MET A 370 -11.92 5.12 3.78
C MET A 370 -11.95 4.52 2.39
N GLY A 371 -10.94 4.84 1.56
CA GLY A 371 -10.90 4.26 0.22
C GLY A 371 -10.80 2.75 0.25
N GLY A 372 -9.90 2.22 1.09
CA GLY A 372 -9.75 0.77 1.17
C GLY A 372 -11.00 0.07 1.66
N MET A 373 -11.61 0.60 2.72
CA MET A 373 -12.82 -0.02 3.26
C MET A 373 -13.97 0.05 2.27
N GLU A 374 -14.11 1.17 1.55
CA GLU A 374 -15.15 1.25 0.53
C GLU A 374 -14.91 0.26 -0.59
N ALA A 375 -13.64 0.07 -0.98
CA ALA A 375 -13.34 -0.92 -2.00
C ALA A 375 -13.78 -2.30 -1.55
N VAL A 376 -13.46 -2.68 -0.31
CA VAL A 376 -13.83 -4.00 0.20
C VAL A 376 -15.35 -4.14 0.23
N ILE A 377 -16.05 -3.13 0.74
CA ILE A 377 -17.49 -3.22 0.91
C ILE A 377 -18.19 -3.31 -0.46
N THR A 378 -17.77 -2.49 -1.42
CA THR A 378 -18.38 -2.55 -2.74
C THR A 378 -18.09 -3.88 -3.43
N GLY A 379 -16.86 -4.38 -3.32
CA GLY A 379 -16.53 -5.64 -3.92
C GLY A 379 -17.36 -6.79 -3.38
N LEU A 380 -17.58 -6.80 -2.06
CA LEU A 380 -18.39 -7.85 -1.46
C LEU A 380 -19.88 -7.66 -1.71
N ALA A 381 -20.35 -6.43 -1.86
CA ALA A 381 -21.77 -6.16 -2.05
C ALA A 381 -22.23 -6.35 -3.48
N ASP A 382 -21.35 -6.16 -4.46
CA ASP A 382 -21.74 -6.39 -5.84
C ASP A 382 -21.99 -7.87 -6.15
N ASP A 383 -21.42 -8.78 -5.35
CA ASP A 383 -21.59 -10.20 -5.59
C ASP A 383 -22.92 -10.71 -5.05
N PHE A 384 -23.13 -10.57 -3.74
CA PHE A 384 -24.37 -10.98 -3.10
C PHE A 384 -25.30 -9.78 -2.98
N GLN A 385 -26.53 -9.94 -3.44
CA GLN A 385 -27.49 -8.84 -3.48
C GLN A 385 -28.24 -8.65 -2.17
N VAL A 386 -28.00 -9.51 -1.17
CA VAL A 386 -28.67 -9.34 0.11
C VAL A 386 -27.94 -8.29 0.96
N LEU A 387 -26.64 -8.14 0.78
CA LEU A 387 -25.87 -7.12 1.49
C LEU A 387 -25.94 -5.76 0.82
N LYS A 388 -26.53 -5.67 -0.36
CA LYS A 388 -26.70 -4.38 -1.04
C LYS A 388 -27.81 -3.55 -0.44
N ARG A 389 -28.84 -4.20 0.10
CA ARG A 389 -29.94 -3.51 0.77
C ARG A 389 -29.68 -3.27 2.25
N HIS A 390 -28.66 -3.91 2.82
CA HIS A 390 -28.30 -3.76 4.23
C HIS A 390 -26.87 -3.24 4.28
N ARG A 391 -26.71 -1.92 4.23
CA ARG A 391 -25.38 -1.33 4.27
C ARG A 391 -24.97 -0.90 5.68
N LYS A 392 -25.92 -0.43 6.49
CA LYS A 392 -25.58 -0.02 7.85
C LYS A 392 -25.22 -1.20 8.73
N LEU A 393 -25.85 -2.36 8.50
CA LEU A 393 -25.54 -3.57 9.26
C LEU A 393 -24.32 -4.31 8.73
N PHE A 394 -23.86 -3.97 7.52
CA PHE A 394 -22.67 -4.59 6.94
C PHE A 394 -21.42 -3.76 7.20
N THR A 395 -21.50 -2.44 7.10
CA THR A 395 -20.38 -1.59 7.44
C THR A 395 -20.02 -1.74 8.92
N PHE A 396 -21.04 -1.83 9.79
CA PHE A 396 -20.76 -2.05 11.20
C PHE A 396 -20.02 -3.36 11.42
N GLY A 397 -20.45 -4.43 10.75
CA GLY A 397 -19.76 -5.70 10.90
C GLY A 397 -18.32 -5.65 10.43
N VAL A 398 -18.08 -5.05 9.26
CA VAL A 398 -16.73 -4.96 8.72
C VAL A 398 -15.85 -4.14 9.65
N THR A 399 -16.33 -2.99 10.12
CA THR A 399 -15.53 -2.11 10.96
C THR A 399 -15.27 -2.76 12.32
N PHE A 400 -16.26 -3.44 12.89
CA PHE A 400 -16.06 -4.11 14.18
C PHE A 400 -15.06 -5.25 14.05
N SER A 401 -15.13 -6.02 12.96
CA SER A 401 -14.13 -7.06 12.75
C SER A 401 -12.73 -6.47 12.60
N THR A 402 -12.62 -5.36 11.87
CA THR A 402 -11.33 -4.71 11.72
C THR A 402 -10.78 -4.24 13.06
N PHE A 403 -11.64 -3.63 13.89
CA PHE A 403 -11.21 -3.19 15.21
C PHE A 403 -10.77 -4.35 16.09
N LEU A 404 -11.55 -5.44 16.08
CA LEU A 404 -11.21 -6.59 16.91
C LEU A 404 -9.88 -7.21 16.48
N LEU A 405 -9.66 -7.33 15.17
CA LEU A 405 -8.41 -7.94 14.71
C LEU A 405 -7.24 -6.97 14.73
N ALA A 406 -7.49 -5.68 14.84
CA ALA A 406 -6.42 -4.70 15.03
C ALA A 406 -6.10 -4.47 16.50
N LEU A 407 -6.92 -5.00 17.41
CA LEU A 407 -6.60 -4.94 18.83
C LEU A 407 -5.27 -5.62 19.16
N PHE A 408 -4.79 -6.52 18.30
CA PHE A 408 -3.54 -7.24 18.59
C PHE A 408 -2.35 -6.30 18.61
N CYS A 409 -2.27 -5.35 17.68
CA CYS A 409 -1.11 -4.49 17.53
C CYS A 409 -1.08 -3.34 18.54
N ILE A 410 -2.13 -3.19 19.35
CA ILE A 410 -2.15 -2.17 20.39
C ILE A 410 -1.49 -2.66 21.68
N THR A 411 -1.14 -3.94 21.75
CA THR A 411 -0.55 -4.50 22.96
C THR A 411 0.86 -3.95 23.19
N LYS A 412 1.50 -4.41 24.26
CA LYS A 412 2.85 -3.96 24.57
C LYS A 412 3.82 -4.36 23.47
N GLY A 413 3.81 -5.61 23.06
CA GLY A 413 4.62 -6.08 21.96
C GLY A 413 3.89 -6.06 20.63
N GLY A 414 3.27 -4.92 20.29
CA GLY A 414 2.51 -4.83 19.06
C GLY A 414 3.32 -4.50 17.83
N ILE A 415 4.50 -3.90 18.00
CA ILE A 415 5.33 -3.57 16.85
C ILE A 415 5.84 -4.83 16.17
N TYR A 416 6.04 -5.91 16.92
CA TYR A 416 6.46 -7.16 16.31
C TYR A 416 5.38 -7.72 15.39
N VAL A 417 4.13 -7.71 15.85
CA VAL A 417 3.02 -8.16 15.02
C VAL A 417 2.84 -7.24 13.82
N LEU A 418 3.03 -5.93 14.02
CA LEU A 418 2.95 -4.99 12.90
C LEU A 418 4.02 -5.28 11.85
N THR A 419 5.25 -5.57 12.29
CA THR A 419 6.31 -5.91 11.36
C THR A 419 6.00 -7.21 10.61
N LEU A 420 5.50 -8.22 11.32
CA LEU A 420 5.15 -9.48 10.67
C LEU A 420 4.06 -9.26 9.61
N LEU A 421 3.03 -8.50 9.96
CA LEU A 421 1.95 -8.22 9.00
C LEU A 421 2.47 -7.41 7.82
N ASP A 422 3.29 -6.40 8.07
CA ASP A 422 3.83 -5.58 6.98
C ASP A 422 4.67 -6.42 6.03
N THR A 423 5.43 -7.38 6.57
CA THR A 423 6.27 -8.21 5.72
C THR A 423 5.49 -9.28 4.97
N PHE A 424 4.40 -9.82 5.54
CA PHE A 424 3.80 -11.01 4.95
C PHE A 424 2.39 -10.83 4.40
N ALA A 425 1.68 -9.74 4.72
CA ALA A 425 0.31 -9.60 4.24
C ALA A 425 0.25 -9.34 2.75
N ALA A 426 1.08 -8.40 2.26
CA ALA A 426 1.16 -8.10 0.83
C ALA A 426 2.64 -8.16 0.44
N GLY A 427 3.11 -9.37 0.18
CA GLY A 427 4.44 -9.58 -0.35
C GLY A 427 4.41 -10.24 -1.71
N THR A 428 4.64 -11.54 -1.75
CA THR A 428 4.48 -12.31 -2.96
C THR A 428 3.01 -12.42 -3.37
N SER A 429 2.09 -12.31 -2.42
CA SER A 429 0.67 -12.51 -2.71
C SER A 429 0.15 -11.46 -3.69
N ILE A 430 0.49 -10.19 -3.47
CA ILE A 430 -0.02 -9.14 -4.34
C ILE A 430 0.56 -9.24 -5.74
N LEU A 431 1.85 -9.58 -5.85
CA LEU A 431 2.45 -9.77 -7.17
C LEU A 431 1.83 -10.95 -7.89
N PHE A 432 1.56 -12.05 -7.16
CA PHE A 432 0.90 -13.19 -7.77
C PHE A 432 -0.49 -12.83 -8.27
N ALA A 433 -1.25 -12.08 -7.47
CA ALA A 433 -2.58 -11.67 -7.87
C ALA A 433 -2.54 -10.77 -9.11
N VAL A 434 -1.60 -9.83 -9.15
CA VAL A 434 -1.49 -8.94 -10.31
C VAL A 434 -1.08 -9.73 -11.55
N LEU A 435 -0.16 -10.68 -11.39
CA LEU A 435 0.25 -11.50 -12.53
C LEU A 435 -0.91 -12.33 -13.06
N MET A 436 -1.70 -12.92 -12.16
CA MET A 436 -2.86 -13.68 -12.59
C MET A 436 -3.88 -12.79 -13.28
N GLU A 437 -4.10 -11.58 -12.76
CA GLU A 437 -4.99 -10.63 -13.41
C GLU A 437 -4.53 -10.34 -14.83
N ALA A 438 -3.24 -10.02 -15.00
CA ALA A 438 -2.72 -9.70 -16.31
C ALA A 438 -2.85 -10.88 -17.26
N ILE A 439 -2.53 -12.09 -16.81
CA ILE A 439 -2.60 -13.26 -17.66
C ILE A 439 -4.04 -13.51 -18.09
N GLY A 440 -4.98 -13.44 -17.14
CA GLY A 440 -6.37 -13.70 -17.46
C GLY A 440 -6.95 -12.66 -18.40
N VAL A 441 -6.62 -11.38 -18.18
CA VAL A 441 -7.14 -10.32 -19.04
C VAL A 441 -6.54 -10.40 -20.44
N SER A 442 -5.26 -10.75 -20.56
CA SER A 442 -4.61 -10.71 -21.88
C SER A 442 -4.76 -12.04 -22.63
N TRP A 443 -4.16 -13.10 -22.10
CA TRP A 443 -3.99 -14.30 -22.91
C TRP A 443 -5.32 -15.02 -23.15
N PHE A 444 -6.16 -15.12 -22.12
CA PHE A 444 -7.39 -15.88 -22.24
C PHE A 444 -8.57 -15.07 -22.75
N TYR A 445 -8.47 -13.74 -22.73
CA TYR A 445 -9.55 -12.89 -23.25
C TYR A 445 -9.23 -12.35 -24.63
N GLY A 446 -8.10 -11.65 -24.78
CA GLY A 446 -7.73 -11.09 -26.06
C GLY A 446 -7.38 -9.62 -25.98
N VAL A 447 -6.13 -9.30 -26.34
CA VAL A 447 -5.75 -7.90 -26.44
C VAL A 447 -6.53 -7.21 -27.56
N ASP A 448 -6.86 -7.96 -28.61
CA ASP A 448 -7.71 -7.41 -29.67
C ASP A 448 -9.09 -7.04 -29.14
N ARG A 449 -9.70 -7.93 -28.35
CA ARG A 449 -11.01 -7.63 -27.77
C ARG A 449 -10.93 -6.46 -26.80
N PHE A 450 -9.87 -6.42 -25.98
CA PHE A 450 -9.70 -5.30 -25.06
C PHE A 450 -9.55 -3.97 -25.80
N SER A 451 -8.77 -3.97 -26.88
CA SER A 451 -8.59 -2.77 -27.69
C SER A 451 -9.90 -2.36 -28.35
N ASN A 452 -10.68 -3.32 -28.85
CA ASN A 452 -11.97 -3.00 -29.43
C ASN A 452 -12.92 -2.39 -28.40
N ASP A 453 -12.92 -2.94 -27.19
CA ASP A 453 -13.76 -2.37 -26.13
C ASP A 453 -13.31 -0.94 -25.78
N ILE A 454 -12.00 -0.72 -25.70
CA ILE A 454 -11.51 0.62 -25.37
C ILE A 454 -11.83 1.60 -26.48
N GLN A 455 -11.76 1.15 -27.74
CA GLN A 455 -12.13 2.02 -28.86
C GLN A 455 -13.61 2.30 -28.89
N GLN A 456 -14.44 1.33 -28.47
CA GLN A 456 -15.87 1.58 -28.35
C GLN A 456 -16.17 2.60 -27.26
N MET A 457 -15.47 2.51 -26.13
CA MET A 457 -15.75 3.41 -25.01
C MET A 457 -15.20 4.81 -25.27
N MET A 458 -13.88 4.92 -25.43
CA MET A 458 -13.23 6.19 -25.75
C MET A 458 -13.25 6.40 -27.26
N GLY A 459 -12.45 7.35 -27.75
CA GLY A 459 -12.40 7.66 -29.15
C GLY A 459 -11.23 7.12 -29.94
N PHE A 460 -10.26 6.47 -29.29
CA PHE A 460 -9.07 5.98 -29.95
C PHE A 460 -8.82 4.54 -29.57
N ARG A 461 -7.71 3.98 -30.08
CA ARG A 461 -7.19 2.65 -29.81
C ARG A 461 -5.99 2.74 -28.87
N PRO A 462 -5.77 1.71 -28.04
CA PRO A 462 -4.64 1.77 -27.10
C PRO A 462 -3.28 1.97 -27.77
N GLY A 463 -3.10 1.48 -28.99
CA GLY A 463 -1.84 1.68 -29.70
C GLY A 463 -1.04 0.41 -29.84
N LEU A 464 0.27 0.53 -29.66
CA LEU A 464 1.16 -0.64 -29.76
C LEU A 464 2.01 -0.84 -28.52
N TYR A 465 2.46 0.25 -27.88
CA TYR A 465 3.31 0.11 -26.69
C TYR A 465 2.57 -0.61 -25.57
N TRP A 466 1.32 -0.22 -25.32
CA TRP A 466 0.57 -0.83 -24.23
C TRP A 466 0.23 -2.28 -24.54
N ARG A 467 -0.12 -2.58 -25.79
CA ARG A 467 -0.41 -3.95 -26.18
C ARG A 467 0.82 -4.84 -26.03
N LEU A 468 1.99 -4.33 -26.41
CA LEU A 468 3.22 -5.09 -26.23
C LEU A 468 3.65 -5.17 -24.77
N CYS A 469 3.23 -4.22 -23.94
CA CYS A 469 3.65 -4.23 -22.55
C CYS A 469 2.81 -5.16 -21.69
N TRP A 470 1.48 -5.13 -21.88
CA TRP A 470 0.51 -5.92 -21.12
C TRP A 470 0.38 -7.34 -21.49
N LYS A 471 1.08 -7.78 -22.48
CA LYS A 471 0.89 -9.13 -22.97
C LYS A 471 2.18 -9.95 -22.89
N PHE A 472 3.33 -9.28 -22.99
CA PHE A 472 4.60 -9.99 -23.02
C PHE A 472 5.60 -9.50 -21.99
N VAL A 473 5.63 -8.19 -21.72
CA VAL A 473 6.72 -7.61 -20.92
C VAL A 473 6.38 -7.61 -19.44
N SER A 474 5.18 -7.15 -19.07
CA SER A 474 4.82 -7.08 -17.65
C SER A 474 4.76 -8.46 -16.99
N PRO A 475 4.09 -9.48 -17.56
CA PRO A 475 4.13 -10.80 -16.91
C PRO A 475 5.54 -11.38 -16.81
N ALA A 476 6.39 -11.13 -17.81
CA ALA A 476 7.74 -11.68 -17.78
C ALA A 476 8.56 -11.11 -16.64
N PHE A 477 8.23 -9.90 -16.19
CA PHE A 477 8.91 -9.30 -15.05
C PHE A 477 8.25 -9.67 -13.73
N LEU A 478 6.93 -9.73 -13.69
CA LEU A 478 6.24 -10.12 -12.46
C LEU A 478 6.58 -11.55 -12.07
N LEU A 479 6.61 -12.47 -13.04
CA LEU A 479 6.97 -13.85 -12.75
C LEU A 479 8.40 -13.96 -12.24
N PHE A 480 9.33 -13.22 -12.85
CA PHE A 480 10.70 -13.23 -12.40
C PHE A 480 10.82 -12.72 -10.96
N VAL A 481 10.12 -11.63 -10.64
CA VAL A 481 10.15 -11.09 -9.29
C VAL A 481 9.57 -12.10 -8.30
N VAL A 482 8.46 -12.72 -8.65
CA VAL A 482 7.83 -13.68 -7.74
C VAL A 482 8.75 -14.87 -7.49
N VAL A 483 9.36 -15.40 -8.55
CA VAL A 483 10.24 -16.56 -8.40
C VAL A 483 11.47 -16.21 -7.57
N VAL A 484 12.09 -15.05 -7.85
CA VAL A 484 13.29 -14.69 -7.10
C VAL A 484 12.96 -14.33 -5.66
N SER A 485 11.73 -13.89 -5.39
CA SER A 485 11.34 -13.63 -4.01
C SER A 485 11.07 -14.93 -3.26
N ILE A 486 10.51 -15.93 -3.93
CA ILE A 486 10.28 -17.22 -3.31
C ILE A 486 11.61 -17.91 -3.01
N ILE A 487 12.54 -17.89 -3.97
CA ILE A 487 13.81 -18.61 -3.78
C ILE A 487 14.68 -17.89 -2.76
N ASN A 488 14.81 -16.57 -2.88
CA ASN A 488 15.68 -15.78 -2.01
C ASN A 488 14.86 -15.19 -0.86
N PHE A 489 14.59 -16.03 0.12
CA PHE A 489 13.85 -15.64 1.32
C PHE A 489 14.79 -15.60 2.51
N LYS A 490 14.74 -14.51 3.27
CA LYS A 490 15.55 -14.34 4.47
C LYS A 490 14.65 -14.23 5.69
N PRO A 491 15.12 -14.67 6.86
CA PRO A 491 14.29 -14.62 8.07
C PRO A 491 13.91 -13.19 8.44
N LEU A 492 13.04 -13.09 9.45
CA LEU A 492 12.45 -11.82 9.86
C LEU A 492 13.10 -11.32 11.13
N THR A 493 13.55 -10.07 11.12
CA THR A 493 14.14 -9.42 12.28
C THR A 493 13.54 -8.02 12.44
N TYR A 494 13.71 -7.45 13.64
CA TYR A 494 13.39 -6.04 13.87
C TYR A 494 14.61 -5.37 14.52
N ASP A 495 15.60 -5.08 13.68
CA ASP A 495 16.73 -4.19 13.93
C ASP A 495 17.65 -4.65 15.07
N ASP A 496 17.20 -5.56 15.92
CA ASP A 496 18.06 -6.22 16.89
C ASP A 496 17.56 -7.61 17.28
N TYR A 497 16.45 -8.06 16.70
CA TYR A 497 15.68 -9.17 17.26
C TYR A 497 15.35 -10.17 16.16
N ILE A 498 16.01 -11.32 16.18
CA ILE A 498 15.71 -12.40 15.24
C ILE A 498 14.46 -13.12 15.73
N PHE A 499 13.45 -13.17 14.87
CA PHE A 499 12.18 -13.77 15.25
C PHE A 499 12.33 -15.27 15.49
N PRO A 500 11.51 -15.85 16.34
CA PRO A 500 11.52 -17.30 16.51
C PRO A 500 11.12 -17.98 15.23
N PRO A 501 11.59 -19.21 15.00
CA PRO A 501 11.35 -19.86 13.70
C PRO A 501 9.89 -20.02 13.31
N TRP A 502 8.99 -20.25 14.27
CA TRP A 502 7.59 -20.45 13.91
C TRP A 502 6.90 -19.18 13.43
N ALA A 503 7.47 -18.01 13.71
CA ALA A 503 6.93 -16.77 13.16
C ALA A 503 6.99 -16.74 11.64
N ASN A 504 8.07 -17.27 11.06
CA ASN A 504 8.16 -17.38 9.61
C ASN A 504 7.11 -18.33 9.05
N TRP A 505 6.85 -19.44 9.73
CA TRP A 505 5.79 -20.35 9.30
C TRP A 505 4.43 -19.66 9.33
N VAL A 506 4.15 -18.92 10.40
CA VAL A 506 2.88 -18.20 10.48
C VAL A 506 2.78 -17.15 9.37
N GLY A 507 3.88 -16.44 9.10
CA GLY A 507 3.87 -15.45 8.04
C GLY A 507 3.64 -16.07 6.66
N TRP A 508 4.24 -17.22 6.41
CA TRP A 508 4.05 -17.88 5.13
C TRP A 508 2.63 -18.44 5.01
N GLY A 509 2.04 -18.91 6.11
CA GLY A 509 0.63 -19.26 6.08
C GLY A 509 -0.26 -18.08 5.75
N ILE A 510 0.04 -16.92 6.34
CA ILE A 510 -0.70 -15.71 6.02
C ILE A 510 -0.56 -15.37 4.55
N ALA A 511 0.65 -15.47 4.01
CA ALA A 511 0.87 -15.16 2.61
C ALA A 511 0.13 -16.12 1.68
N LEU A 512 0.13 -17.42 2.01
CA LEU A 512 -0.53 -18.42 1.18
C LEU A 512 -2.05 -18.40 1.31
N SER A 513 -2.58 -17.83 2.39
CA SER A 513 -4.03 -17.76 2.56
C SER A 513 -4.71 -16.99 1.43
N SER A 514 -4.00 -16.10 0.74
CA SER A 514 -4.54 -15.38 -0.40
C SER A 514 -4.24 -16.05 -1.72
N MET A 515 -3.04 -16.63 -1.87
CA MET A 515 -2.67 -17.28 -3.12
C MET A 515 -3.36 -18.61 -3.33
N VAL A 516 -3.86 -19.26 -2.28
CA VAL A 516 -4.51 -20.56 -2.44
C VAL A 516 -5.92 -20.46 -2.99
N LEU A 517 -6.48 -19.26 -3.12
CA LEU A 517 -7.87 -19.10 -3.54
C LEU A 517 -8.05 -19.17 -5.06
N VAL A 518 -6.97 -19.14 -5.84
CA VAL A 518 -7.09 -19.15 -7.30
C VAL A 518 -7.38 -20.55 -7.83
N PRO A 519 -6.63 -21.60 -7.44
CA PRO A 519 -6.96 -22.94 -7.97
C PRO A 519 -8.20 -23.56 -7.36
N ILE A 520 -8.55 -23.18 -6.13
CA ILE A 520 -9.73 -23.76 -5.47
C ILE A 520 -10.99 -23.42 -6.27
N TYR A 521 -11.14 -22.17 -6.70
CA TYR A 521 -12.29 -21.80 -7.51
C TYR A 521 -12.28 -22.51 -8.85
N VAL A 522 -11.10 -22.72 -9.43
CA VAL A 522 -11.02 -23.45 -10.71
C VAL A 522 -11.57 -24.86 -10.54
N ILE A 523 -11.12 -25.55 -9.49
CA ILE A 523 -11.60 -26.91 -9.25
C ILE A 523 -13.11 -26.91 -8.97
N TYR A 524 -13.56 -25.97 -8.14
CA TYR A 524 -14.99 -25.91 -7.82
C TYR A 524 -15.84 -25.68 -9.06
N LYS A 525 -15.41 -24.76 -9.93
CA LYS A 525 -16.16 -24.50 -11.15
C LYS A 525 -16.05 -25.65 -12.14
N PHE A 526 -14.99 -26.45 -12.07
CA PHE A 526 -14.88 -27.59 -12.98
C PHE A 526 -15.82 -28.72 -12.56
N LEU A 527 -15.99 -28.90 -11.26
CA LEU A 527 -16.88 -29.98 -10.76
C LEU A 527 -18.32 -29.46 -10.60
N SER A 528 -18.53 -28.15 -10.75
CA SER A 528 -19.86 -27.61 -10.53
C SER A 528 -20.73 -27.74 -11.78
N THR A 529 -20.15 -27.57 -12.96
CA THR A 529 -20.90 -27.64 -14.20
C THR A 529 -21.13 -29.09 -14.61
N GLN A 530 -22.00 -29.28 -15.60
CA GLN A 530 -22.37 -30.60 -16.10
C GLN A 530 -21.96 -30.74 -17.56
N GLY A 531 -21.49 -31.93 -17.92
CA GLY A 531 -21.10 -32.23 -19.28
C GLY A 531 -19.83 -33.04 -19.31
N SER A 532 -19.19 -33.07 -20.47
CA SER A 532 -17.93 -33.75 -20.66
C SER A 532 -16.78 -32.76 -20.50
N LEU A 533 -15.54 -33.26 -20.66
CA LEU A 533 -14.37 -32.40 -20.49
C LEU A 533 -14.38 -31.26 -21.51
N TRP A 534 -14.69 -31.57 -22.77
CA TRP A 534 -14.74 -30.52 -23.79
C TRP A 534 -15.84 -29.51 -23.49
N GLU A 535 -16.99 -29.99 -23.04
CA GLU A 535 -18.11 -29.12 -22.73
C GLU A 535 -18.05 -28.54 -21.32
N ARG A 536 -17.09 -28.94 -20.50
CA ARG A 536 -16.87 -28.30 -19.21
C ARG A 536 -15.76 -27.27 -19.25
N LEU A 537 -14.75 -27.46 -20.08
CA LEU A 537 -13.68 -26.48 -20.21
C LEU A 537 -14.09 -25.28 -21.05
N ALA A 538 -15.18 -25.40 -21.82
CA ALA A 538 -15.61 -24.35 -22.74
C ALA A 538 -16.62 -23.37 -22.13
N TYR A 539 -17.14 -23.66 -20.93
CA TYR A 539 -18.04 -22.74 -20.25
C TYR A 539 -17.32 -21.80 -19.29
N GLY A 540 -16.00 -21.92 -19.16
CA GLY A 540 -15.27 -21.07 -18.25
C GLY A 540 -14.27 -20.15 -18.91
N ILE A 541 -14.15 -20.25 -20.24
CA ILE A 541 -13.24 -19.41 -21.00
C ILE A 541 -13.97 -18.46 -21.93
N THR A 542 -15.30 -18.40 -21.85
CA THR A 542 -16.10 -17.50 -22.67
C THR A 542 -16.89 -16.54 -21.79
N PRO A 543 -17.22 -15.35 -22.29
CA PRO A 543 -18.06 -14.44 -21.50
C PRO A 543 -19.41 -15.05 -21.18
N GLU A 544 -19.92 -14.71 -19.99
CA GLU A 544 -21.18 -15.28 -19.53
C GLU A 544 -22.36 -14.90 -20.41
N ASN A 545 -22.29 -13.77 -21.11
CA ASN A 545 -23.38 -13.36 -21.98
C ASN A 545 -23.40 -14.14 -23.30
N GLU A 546 -22.32 -14.84 -23.64
CA GLU A 546 -22.30 -15.71 -24.80
C GLU A 546 -22.64 -17.15 -24.39
N HIS A 547 -23.81 -17.29 -23.75
CA HIS A 547 -24.23 -18.60 -23.26
C HIS A 547 -24.61 -19.53 -24.41
N HIS A 548 -25.34 -19.02 -25.40
CA HIS A 548 -25.77 -19.83 -26.53
C HIS A 548 -24.76 -19.78 -27.67
N LEU A 549 -23.50 -20.08 -27.36
CA LEU A 549 -22.45 -20.14 -28.36
C LEU A 549 -21.64 -21.42 -28.17
N VAL A 550 -21.59 -21.91 -26.93
CA VAL A 550 -20.88 -23.16 -26.63
C VAL A 550 -21.61 -24.33 -27.27
N ALA A 551 -22.94 -24.30 -27.27
CA ALA A 551 -23.71 -25.40 -27.85
C ALA A 551 -23.45 -25.54 -29.34
N GLN A 552 -23.36 -24.43 -30.06
CA GLN A 552 -23.09 -24.45 -31.49
C GLN A 552 -21.60 -24.55 -31.80
N ARG A 553 -20.77 -24.88 -30.81
CA ARG A 553 -19.34 -25.09 -30.98
C ARG A 553 -18.66 -23.88 -31.60
N ASP A 554 -18.98 -22.71 -31.07
CA ASP A 554 -18.39 -21.45 -31.52
C ASP A 554 -17.55 -20.88 -30.37
N ILE A 555 -16.30 -21.32 -30.30
CA ILE A 555 -15.34 -20.85 -29.31
C ILE A 555 -14.10 -20.39 -30.07
N ARG A 556 -13.73 -19.12 -29.89
CA ARG A 556 -12.59 -18.56 -30.60
C ARG A 556 -11.25 -18.87 -29.96
N GLN A 557 -11.24 -19.49 -28.77
CA GLN A 557 -10.00 -19.81 -28.07
C GLN A 557 -9.40 -21.14 -28.51
N PHE A 558 -10.04 -21.86 -29.43
CA PHE A 558 -9.58 -23.17 -29.86
C PHE A 558 -8.81 -23.13 -31.16
N GLN A 559 -8.44 -21.95 -31.64
CA GLN A 559 -7.63 -21.80 -32.85
C GLN A 559 -6.41 -20.95 -32.55
N LEU A 560 -5.34 -21.21 -33.29
CA LEU A 560 -4.08 -20.51 -33.07
C LEU A 560 -4.17 -19.01 -33.39
N GLN A 561 -5.16 -18.61 -34.19
CA GLN A 561 -5.29 -17.19 -34.56
C GLN A 561 -5.59 -16.32 -33.34
N HIS A 562 -6.18 -16.89 -32.29
CA HIS A 562 -6.43 -16.11 -31.08
C HIS A 562 -5.14 -15.86 -30.31
N TRP A 563 -4.27 -16.86 -30.25
CA TRP A 563 -3.03 -16.77 -29.48
C TRP A 563 -1.87 -16.19 -30.27
N LEU A 564 -2.02 -16.00 -31.59
CA LEU A 564 -0.98 -15.40 -32.41
C LEU A 564 -1.22 -13.92 -32.66
N ALA A 565 -2.03 -13.26 -31.84
CA ALA A 565 -2.36 -11.85 -31.98
C ALA A 565 -1.59 -11.07 -30.93
N ILE A 566 -0.63 -10.27 -31.38
CA ILE A 566 0.19 -9.46 -30.47
C ILE A 566 -0.44 -8.09 -30.26
#